data_4OCP
#
_entry.id   4OCP
#
_cell.length_a   55.142
_cell.length_b   79.236
_cell.length_c   97.791
_cell.angle_alpha   90.00
_cell.angle_beta   90.00
_cell.angle_gamma   90.00
#
_symmetry.space_group_name_H-M   'P 21 21 21'
#
loop_
_entity.id
_entity.type
_entity.pdbx_description
1 polymer 'N-acetylhexosamine 1-phosphate kinase'
2 non-polymer 2-acetamido-2-deoxy-1-O-phosphono-alpha-D-glucopyranose
3 non-polymer "ADENOSINE-5'-DIPHOSPHATE"
4 non-polymer 'MAGNESIUM ION'
5 water water
#
_entity_poly.entity_id   1
_entity_poly.type   'polypeptide(L)'
_entity_poly.pdbx_seq_one_letter_code
;(MSE)GSSHHHHHHSSGLVPRGSH(MSE)TESNEVLFGIASHFALEGAVTGIEPYGDGHINTTYLVTTDGPRYILQQ
(MSE)NTSIFPDTVNL(MSE)RNVELVTSTLKAQGKETLDIVPTTSGATWAEIDGGAWRVYKFIEHTVSYNLVPNPDVFR
EAGSAFGDFQNFLSEFDASQLTETIAHFHDTPHRFEDFKAALAADKLGRAAACQPEIDFYLSHADQYAVV(MSE)DGLRD
GSIPLRVTHNDTKLNNIL(MSE)DATTGKARAIIDLDTI(MSE)PGS(MSE)LFDFGDSIRFGASTALEDEKDLSKVHFS
TELFRAYTEGFVGELRGSITAREAELLPFSGNLLT(MSE)ECG(MSE)RFLADYLEGDIYFATKYPEHNLVRTRTQIKLV
QE(MSE)EQKASETRAIVADI(MSE)EAAR
;
_entity_poly.pdbx_strand_id   A
#
# COMPACT_ATOMS: atom_id res chain seq x y z
N GLU A 23 6.58 0.39 23.02
CA GLU A 23 7.67 1.02 23.84
C GLU A 23 7.08 1.70 25.07
N SER A 24 7.92 1.88 26.08
CA SER A 24 7.53 2.62 27.28
C SER A 24 7.32 4.09 26.95
N ASN A 25 6.52 4.78 27.75
CA ASN A 25 6.36 6.22 27.62
C ASN A 25 7.69 6.95 27.74
N GLU A 26 8.46 6.60 28.77
CA GLU A 26 9.77 7.19 29.01
C GLU A 26 10.61 7.19 27.73
N VAL A 27 10.68 6.03 27.06
CA VAL A 27 11.44 5.92 25.82
C VAL A 27 10.82 6.77 24.70
N LEU A 28 9.51 6.68 24.51
CA LEU A 28 8.83 7.41 23.43
C LEU A 28 8.90 8.92 23.62
N PHE A 29 8.68 9.40 24.84
CA PHE A 29 8.79 10.84 25.11
C PHE A 29 10.23 11.29 24.84
N GLY A 30 11.20 10.45 25.18
CA GLY A 30 12.59 10.71 24.88
C GLY A 30 12.84 10.81 23.39
N ILE A 31 12.27 9.88 22.63
CA ILE A 31 12.34 9.98 21.16
C ILE A 31 11.77 11.30 20.68
N ALA A 32 10.59 11.65 21.17
CA ALA A 32 9.93 12.89 20.78
C ALA A 32 10.79 14.14 20.99
N SER A 33 11.59 14.15 22.06
CA SER A 33 12.44 15.32 22.38
C SER A 33 13.53 15.61 21.34
N HIS A 34 13.80 14.64 20.47
CA HIS A 34 14.75 14.85 19.35
C HIS A 34 14.25 15.69 18.22
N PHE A 35 12.94 15.92 18.18
CA PHE A 35 12.26 16.55 17.06
C PHE A 35 11.73 17.92 17.39
N ALA A 36 11.61 18.76 16.36
CA ALA A 36 11.26 20.16 16.51
C ALA A 36 9.74 20.34 16.66
N LEU A 37 9.16 19.71 17.68
CA LEU A 37 7.73 19.76 17.91
C LEU A 37 7.39 21.15 18.47
N GLU A 38 6.16 21.60 18.22
CA GLU A 38 5.74 22.95 18.65
C GLU A 38 4.67 22.92 19.74
N GLY A 39 4.88 22.07 20.74
CA GLY A 39 4.07 22.09 21.95
C GLY A 39 4.58 21.08 22.95
N ALA A 40 4.18 21.22 24.21
CA ALA A 40 4.50 20.24 25.24
C ALA A 40 3.76 18.93 24.98
N VAL A 41 4.50 17.81 24.95
CA VAL A 41 3.88 16.50 24.70
C VAL A 41 3.07 16.06 25.92
N THR A 42 1.84 15.62 25.68
CA THR A 42 0.96 15.07 26.70
C THR A 42 0.77 13.55 26.57
N GLY A 43 0.97 13.02 25.36
CA GLY A 43 0.82 11.59 25.18
C GLY A 43 1.34 11.10 23.86
N ILE A 44 1.79 9.85 23.84
CA ILE A 44 2.25 9.19 22.63
C ILE A 44 1.61 7.80 22.63
N GLU A 45 0.70 7.55 21.70
CA GLU A 45 -0.07 6.31 21.69
C GLU A 45 0.00 5.61 20.34
N PRO A 46 0.10 4.28 20.36
CA PRO A 46 0.04 3.49 19.12
C PRO A 46 -1.16 3.89 18.29
N TYR A 47 -0.98 3.94 16.97
CA TYR A 47 -2.00 4.48 16.08
C TYR A 47 -2.00 3.79 14.72
N GLY A 48 -3.19 3.48 14.22
CA GLY A 48 -3.37 3.10 12.83
C GLY A 48 -3.32 1.62 12.54
N ASP A 49 -3.60 1.26 11.29
CA ASP A 49 -3.69 -0.13 10.85
C ASP A 49 -2.60 -0.51 9.85
N GLY A 50 -1.56 0.33 9.73
CA GLY A 50 -0.38 0.01 8.92
C GLY A 50 0.33 -1.23 9.46
N HIS A 51 0.84 -2.05 8.55
CA HIS A 51 1.42 -3.36 8.90
C HIS A 51 2.91 -3.37 9.06
N ILE A 52 3.58 -2.28 8.73
CA ILE A 52 5.02 -2.31 8.47
C ILE A 52 5.85 -1.47 9.47
N ASN A 53 5.63 -0.16 9.47
CA ASN A 53 6.26 0.72 10.43
C ASN A 53 5.52 0.63 11.75
N THR A 54 6.07 1.25 12.78
CA THR A 54 5.38 1.33 14.06
C THR A 54 4.99 2.79 14.27
N THR A 55 3.70 3.06 14.29
CA THR A 55 3.19 4.41 14.17
C THR A 55 2.50 4.83 15.46
N TYR A 56 2.73 6.06 15.87
CA TYR A 56 2.17 6.61 17.08
C TYR A 56 1.57 7.97 16.80
N LEU A 57 0.50 8.28 17.52
CA LEU A 57 -0.02 9.64 17.58
C LEU A 57 0.62 10.36 18.76
N VAL A 58 1.18 11.54 18.49
CA VAL A 58 1.73 12.40 19.52
C VAL A 58 0.73 13.52 19.78
N THR A 59 0.15 13.54 20.98
CA THR A 59 -0.70 14.64 21.40
C THR A 59 0.17 15.61 22.20
N THR A 60 -0.05 16.90 21.96
CA THR A 60 0.61 17.98 22.69
C THR A 60 -0.44 19.00 23.19
N ASP A 61 0.03 20.07 23.84
CA ASP A 61 -0.88 21.14 24.26
C ASP A 61 -1.31 22.01 23.08
N GLY A 62 -0.80 21.73 21.88
CA GLY A 62 -1.31 22.34 20.65
C GLY A 62 -1.45 21.34 19.50
N PRO A 63 -0.49 21.36 18.55
CA PRO A 63 -0.62 20.49 17.38
C PRO A 63 -0.42 19.00 17.66
N ARG A 64 -0.93 18.18 16.73
CA ARG A 64 -0.69 16.75 16.75
C ARG A 64 0.41 16.35 15.78
N TYR A 65 1.07 15.24 16.07
CA TYR A 65 2.09 14.68 15.20
C TYR A 65 1.96 13.16 15.08
N ILE A 66 2.50 12.65 13.98
CA ILE A 66 2.67 11.20 13.79
C ILE A 66 4.14 10.91 13.98
N LEU A 67 4.43 10.00 14.91
CA LEU A 67 5.78 9.51 15.15
C LEU A 67 5.82 8.07 14.67
N GLN A 68 6.84 7.76 13.87
CA GLN A 68 7.01 6.42 13.33
C GLN A 68 8.42 5.91 13.55
N GLN A 69 8.51 4.68 14.03
CA GLN A 69 9.76 3.95 13.94
C GLN A 69 9.74 3.20 12.60
N ASN A 71 10.74 0.53 9.86
CA ASN A 71 11.09 -0.88 9.95
C ASN A 71 12.34 -1.09 9.11
N THR A 72 13.47 -1.18 9.77
CA THR A 72 14.76 -1.28 9.08
C THR A 72 15.09 -2.71 8.63
N SER A 73 14.33 -3.69 9.09
CA SER A 73 14.46 -5.05 8.53
C SER A 73 13.88 -5.08 7.10
N ILE A 74 12.81 -4.30 6.86
CA ILE A 74 12.21 -4.19 5.52
C ILE A 74 12.87 -3.08 4.69
N PHE A 75 13.23 -1.98 5.34
CA PHE A 75 13.88 -0.84 4.68
C PHE A 75 15.26 -0.60 5.32
N PRO A 76 16.26 -1.43 4.97
CA PRO A 76 17.58 -1.28 5.59
C PRO A 76 18.30 0.03 5.24
N ASP A 77 18.06 0.56 4.04
CA ASP A 77 18.75 1.76 3.61
C ASP A 77 17.91 3.00 3.96
N THR A 78 17.95 3.37 5.22
CA THR A 78 17.13 4.46 5.71
C THR A 78 17.46 5.75 4.99
N VAL A 79 18.74 5.99 4.74
CA VAL A 79 19.17 7.21 4.07
C VAL A 79 18.51 7.36 2.69
N ASN A 80 18.56 6.31 1.88
CA ASN A 80 17.93 6.33 0.55
C ASN A 80 16.41 6.43 0.64
N LEU A 81 15.79 5.73 1.58
CA LEU A 81 14.35 5.80 1.76
C LEU A 81 13.95 7.26 2.03
N ARG A 83 15.68 10.02 1.49
CA ARG A 83 15.96 10.81 0.28
C ARG A 83 14.78 10.77 -0.70
N ASN A 84 14.19 9.60 -0.92
CA ASN A 84 13.02 9.49 -1.79
C ASN A 84 11.83 10.28 -1.22
N VAL A 85 11.53 10.08 0.05
CA VAL A 85 10.40 10.76 0.69
C VAL A 85 10.61 12.29 0.66
N GLU A 86 11.82 12.73 0.95
CA GLU A 86 12.16 14.16 0.89
C GLU A 86 11.96 14.72 -0.52
N LEU A 87 12.43 14.00 -1.53
CA LEU A 87 12.28 14.45 -2.92
C LEU A 87 10.81 14.57 -3.34
N VAL A 88 10.03 13.52 -3.09
CA VAL A 88 8.62 13.51 -3.49
C VAL A 88 7.87 14.63 -2.77
N THR A 89 8.03 14.71 -1.45
CA THR A 89 7.29 15.69 -0.67
C THR A 89 7.72 17.11 -1.02
N SER A 90 9.02 17.35 -1.16
CA SER A 90 9.47 18.71 -1.45
C SER A 90 8.98 19.16 -2.84
N THR A 91 8.87 18.20 -3.77
CA THR A 91 8.39 18.53 -5.12
C THR A 91 6.89 18.87 -5.09
N LEU A 92 6.11 18.10 -4.32
CA LEU A 92 4.70 18.44 -4.12
C LEU A 92 4.56 19.80 -3.44
N LYS A 93 5.34 20.06 -2.40
CA LYS A 93 5.28 21.35 -1.72
C LYS A 93 5.59 22.48 -2.71
N ALA A 94 6.59 22.26 -3.56
CA ALA A 94 6.98 23.26 -4.58
C ALA A 94 5.94 23.45 -5.69
N GLN A 95 4.88 22.65 -5.70
CA GLN A 95 3.75 22.90 -6.57
C GLN A 95 2.52 23.36 -5.80
N GLY A 96 2.72 23.74 -4.54
CA GLY A 96 1.63 24.19 -3.68
C GLY A 96 0.64 23.09 -3.36
N LYS A 97 1.12 21.85 -3.30
CA LYS A 97 0.26 20.68 -3.06
C LYS A 97 0.52 20.09 -1.68
N GLU A 98 -0.55 19.81 -0.96
CA GLU A 98 -0.45 19.25 0.38
C GLU A 98 0.12 17.83 0.34
N THR A 99 1.03 17.54 1.25
CA THR A 99 1.67 16.23 1.31
C THR A 99 2.06 15.95 2.75
N LEU A 100 2.87 14.91 2.96
CA LEU A 100 3.44 14.64 4.25
C LEU A 100 4.49 15.72 4.55
N ASP A 101 4.38 16.32 5.73
CA ASP A 101 5.29 17.36 6.19
C ASP A 101 6.20 16.77 7.24
N ILE A 102 7.44 16.52 6.83
CA ILE A 102 8.45 16.00 7.72
C ILE A 102 8.75 17.04 8.78
N VAL A 103 8.70 16.65 10.05
CA VAL A 103 9.12 17.53 11.12
C VAL A 103 10.58 17.20 11.42
N PRO A 104 11.48 18.17 11.21
CA PRO A 104 12.90 17.84 11.35
C PRO A 104 13.34 17.59 12.79
N THR A 105 14.51 16.98 12.96
CA THR A 105 15.11 16.88 14.29
C THR A 105 15.41 18.31 14.76
N THR A 106 15.70 18.48 16.03
CA THR A 106 16.09 19.81 16.54
C THR A 106 17.41 20.31 15.93
N SER A 107 18.14 19.43 15.25
CA SER A 107 19.34 19.81 14.50
C SER A 107 19.14 19.98 13.00
N GLY A 108 17.91 19.79 12.54
CA GLY A 108 17.57 20.01 11.14
C GLY A 108 17.58 18.81 10.22
N ALA A 109 17.78 17.60 10.77
CA ALA A 109 17.81 16.39 9.94
C ALA A 109 16.38 15.93 9.69
N THR A 110 16.18 15.12 8.66
CA THR A 110 14.84 14.65 8.29
C THR A 110 14.39 13.43 9.09
N TRP A 111 15.31 12.80 9.81
CA TRP A 111 15.02 11.66 10.67
C TRP A 111 16.14 11.49 11.68
N ALA A 112 15.94 10.61 12.66
CA ALA A 112 16.94 10.38 13.70
C ALA A 112 17.16 8.88 13.97
N GLU A 113 18.43 8.51 14.06
CA GLU A 113 18.83 7.20 14.54
C GLU A 113 19.06 7.32 16.04
N ILE A 114 18.26 6.61 16.82
CA ILE A 114 18.30 6.72 18.27
C ILE A 114 18.31 5.31 18.85
N ASP A 115 19.38 4.97 19.56
CA ASP A 115 19.49 3.68 20.24
C ASP A 115 19.14 2.48 19.33
N GLY A 116 19.69 2.49 18.12
CA GLY A 116 19.53 1.37 17.18
C GLY A 116 18.24 1.38 16.38
N GLY A 117 17.44 2.45 16.54
CA GLY A 117 16.16 2.57 15.86
C GLY A 117 16.11 3.82 14.99
N ALA A 118 15.37 3.74 13.89
CA ALA A 118 15.24 4.86 12.94
C ALA A 118 13.85 5.49 13.07
N TRP A 119 13.81 6.79 13.35
CA TRP A 119 12.56 7.46 13.69
C TRP A 119 12.35 8.69 12.88
N ARG A 120 11.10 8.94 12.53
CA ARG A 120 10.72 10.18 11.84
C ARG A 120 9.40 10.69 12.39
N VAL A 121 9.14 11.98 12.11
CA VAL A 121 7.89 12.62 12.51
C VAL A 121 7.27 13.39 11.35
N TYR A 122 5.95 13.22 11.20
CA TYR A 122 5.17 14.01 10.29
C TYR A 122 4.18 14.86 11.07
N LYS A 123 3.83 16.02 10.53
CA LYS A 123 2.67 16.74 11.04
C LYS A 123 1.43 15.88 10.84
N PHE A 124 0.56 15.84 11.84
CA PHE A 124 -0.73 15.17 11.71
C PHE A 124 -1.61 15.93 10.72
N ILE A 125 -2.12 15.26 9.70
CA ILE A 125 -2.93 15.91 8.68
C ILE A 125 -4.36 16.03 9.18
N GLU A 126 -4.75 17.27 9.50
CA GLU A 126 -5.98 17.57 10.20
C GLU A 126 -7.21 17.59 9.31
N HIS A 127 -8.37 17.41 9.95
CA HIS A 127 -9.68 17.50 9.31
C HIS A 127 -9.82 16.44 8.23
N THR A 128 -9.35 15.23 8.51
CA THR A 128 -9.42 14.16 7.54
C THR A 128 -10.11 12.92 8.09
N VAL A 129 -10.59 12.11 7.16
CA VAL A 129 -11.13 10.79 7.44
C VAL A 129 -10.39 9.81 6.57
N SER A 130 -10.38 8.55 6.98
CA SER A 130 -9.82 7.50 6.15
C SER A 130 -10.62 6.22 6.31
N TYR A 131 -10.39 5.28 5.42
CA TYR A 131 -11.20 4.09 5.33
C TYR A 131 -10.33 2.84 5.19
N ASN A 132 -10.69 1.79 5.93
CA ASN A 132 -10.20 0.44 5.69
C ASN A 132 -11.19 -0.34 4.85
N LEU A 133 -12.38 0.22 4.66
CA LEU A 133 -13.45 -0.41 3.88
C LEU A 133 -14.26 0.68 3.20
N VAL A 134 -14.47 0.54 1.89
CA VAL A 134 -15.22 1.53 1.12
C VAL A 134 -16.67 1.53 1.60
N PRO A 135 -17.20 2.71 1.99
CA PRO A 135 -18.58 2.82 2.43
C PRO A 135 -19.58 3.04 1.28
N ASN A 136 -19.12 3.65 0.19
CA ASN A 136 -19.97 3.91 -0.97
C ASN A 136 -19.10 4.17 -2.20
N PRO A 137 -19.66 4.05 -3.41
CA PRO A 137 -18.86 4.21 -4.63
C PRO A 137 -18.16 5.56 -4.80
N ASP A 138 -18.74 6.64 -4.27
CA ASP A 138 -18.16 7.98 -4.45
C ASP A 138 -16.78 8.08 -3.81
N VAL A 139 -16.63 7.49 -2.63
CA VAL A 139 -15.36 7.49 -1.92
C VAL A 139 -14.27 6.80 -2.75
N PHE A 140 -14.63 5.66 -3.35
CA PHE A 140 -13.65 4.87 -4.08
C PHE A 140 -13.35 5.50 -5.44
N ARG A 141 -14.34 6.15 -6.04
CA ARG A 141 -14.12 6.94 -7.26
C ARG A 141 -13.11 8.05 -6.99
N GLU A 142 -13.27 8.72 -5.85
CA GLU A 142 -12.34 9.76 -5.44
C GLU A 142 -10.93 9.18 -5.24
N ALA A 143 -10.85 7.99 -4.63
CA ALA A 143 -9.57 7.30 -4.46
C ALA A 143 -8.92 7.07 -5.82
N GLY A 144 -9.73 6.64 -6.80
CA GLY A 144 -9.25 6.39 -8.16
C GLY A 144 -8.69 7.65 -8.80
N SER A 145 -9.46 8.73 -8.72
CA SER A 145 -9.03 10.03 -9.20
C SER A 145 -7.69 10.45 -8.56
N ALA A 146 -7.60 10.31 -7.24
CA ALA A 146 -6.41 10.72 -6.51
C ALA A 146 -5.14 9.94 -6.91
N PHE A 147 -5.25 8.61 -6.96
CA PHE A 147 -4.11 7.79 -7.35
C PHE A 147 -3.77 7.92 -8.85
N GLY A 148 -4.78 8.15 -9.67
CA GLY A 148 -4.56 8.41 -11.10
C GLY A 148 -3.79 9.71 -11.29
N ASP A 149 -4.21 10.75 -10.58
CA ASP A 149 -3.49 12.03 -10.56
C ASP A 149 -2.06 11.87 -10.06
N PHE A 150 -1.90 11.09 -9.00
CA PHE A 150 -0.57 10.86 -8.45
C PHE A 150 0.35 10.20 -9.47
N GLN A 151 -0.18 9.29 -10.29
CA GLN A 151 0.58 8.72 -11.41
C GLN A 151 1.06 9.83 -12.35
N ASN A 152 0.16 10.74 -12.72
CA ASN A 152 0.56 11.88 -13.56
C ASN A 152 1.66 12.69 -12.91
N PHE A 153 1.49 13.00 -11.64
CA PHE A 153 2.51 13.69 -10.87
C PHE A 153 3.85 12.96 -10.91
N LEU A 154 3.83 11.66 -10.66
CA LEU A 154 5.06 10.88 -10.60
C LEU A 154 5.80 10.76 -11.94
N SER A 155 5.08 10.90 -13.05
CA SER A 155 5.71 10.84 -14.38
C SER A 155 6.64 12.03 -14.66
N GLU A 156 6.63 13.03 -13.79
CA GLU A 156 7.57 14.15 -13.86
C GLU A 156 8.98 13.76 -13.40
N PHE A 157 9.09 12.64 -12.68
CA PHE A 157 10.38 12.07 -12.27
C PHE A 157 10.81 10.99 -13.25
N ASP A 158 12.10 10.94 -13.55
CA ASP A 158 12.65 9.76 -14.24
C ASP A 158 13.20 8.78 -13.20
N ALA A 159 13.26 7.51 -13.59
CA ALA A 159 13.60 6.41 -12.70
C ALA A 159 14.83 6.69 -11.83
N SER A 160 15.88 7.24 -12.45
CA SER A 160 17.15 7.48 -11.78
C SER A 160 17.07 8.33 -10.50
N GLN A 161 16.03 9.16 -10.37
CA GLN A 161 15.86 10.01 -9.17
C GLN A 161 15.32 9.26 -7.96
N LEU A 162 14.63 8.14 -8.18
CA LEU A 162 13.97 7.42 -7.10
C LEU A 162 14.42 5.96 -7.09
N THR A 163 15.48 5.69 -6.33
CA THR A 163 16.02 4.34 -6.23
C THR A 163 15.07 3.44 -5.45
N GLU A 164 15.04 2.17 -5.84
CA GLU A 164 14.14 1.20 -5.23
C GLU A 164 14.46 1.04 -3.77
N THR A 165 13.43 1.17 -2.94
CA THR A 165 13.57 1.02 -1.50
C THR A 165 13.47 -0.44 -1.13
N ILE A 166 12.79 -1.23 -1.98
CA ILE A 166 12.70 -2.67 -1.83
C ILE A 166 12.80 -3.31 -3.22
N ALA A 167 13.75 -4.22 -3.38
CA ALA A 167 13.97 -4.88 -4.68
C ALA A 167 12.84 -5.87 -4.94
N HIS A 168 12.49 -6.06 -6.20
CA HIS A 168 11.52 -7.08 -6.62
C HIS A 168 10.20 -6.93 -5.93
N PHE A 169 9.81 -5.69 -5.64
CA PHE A 169 8.69 -5.44 -4.75
C PHE A 169 7.38 -6.00 -5.29
N HIS A 170 7.07 -5.69 -6.56
CA HIS A 170 5.92 -6.30 -7.23
C HIS A 170 6.32 -7.18 -8.38
N ASP A 171 7.43 -7.88 -8.19
CA ASP A 171 7.91 -8.88 -9.15
C ASP A 171 7.28 -10.19 -8.67
N THR A 172 6.08 -10.49 -9.17
CA THR A 172 5.28 -11.60 -8.61
C THR A 172 5.97 -12.96 -8.76
N PRO A 173 6.64 -13.24 -9.90
CA PRO A 173 7.42 -14.48 -9.94
C PRO A 173 8.48 -14.58 -8.84
N HIS A 174 9.15 -13.47 -8.53
CA HIS A 174 10.12 -13.46 -7.43
C HIS A 174 9.46 -13.71 -6.11
N ARG A 175 8.30 -13.08 -5.89
CA ARG A 175 7.50 -13.31 -4.69
C ARG A 175 7.12 -14.79 -4.57
N PHE A 176 6.79 -15.42 -5.70
CA PHE A 176 6.46 -16.84 -5.74
C PHE A 176 7.64 -17.75 -5.38
N GLU A 177 8.85 -17.40 -5.82
CA GLU A 177 10.05 -18.11 -5.38
C GLU A 177 10.17 -18.02 -3.86
N ASP A 178 9.89 -16.84 -3.30
CA ASP A 178 9.93 -16.67 -1.86
C ASP A 178 8.88 -17.57 -1.20
N PHE A 179 7.69 -17.62 -1.77
CA PHE A 179 6.62 -18.44 -1.22
C PHE A 179 6.98 -19.93 -1.23
N LYS A 180 7.44 -20.41 -2.38
CA LYS A 180 7.87 -21.81 -2.53
C LYS A 180 8.93 -22.20 -1.53
N ALA A 181 9.87 -21.29 -1.25
CA ALA A 181 10.92 -21.54 -0.28
C ALA A 181 10.33 -21.66 1.12
N ALA A 182 9.45 -20.74 1.48
CA ALA A 182 8.77 -20.77 2.77
C ALA A 182 7.94 -22.05 2.91
N LEU A 183 7.30 -22.45 1.81
CA LEU A 183 6.50 -23.66 1.77
C LEU A 183 7.34 -24.92 2.03
N ALA A 184 8.45 -25.03 1.30
CA ALA A 184 9.33 -26.21 1.38
C ALA A 184 9.97 -26.35 2.75
N ALA A 185 10.34 -25.22 3.37
CA ALA A 185 10.93 -25.25 4.70
C ALA A 185 9.90 -25.59 5.78
N ASP A 186 8.68 -25.07 5.64
CA ASP A 186 7.57 -25.30 6.58
C ASP A 186 8.06 -25.24 8.03
N LYS A 187 8.71 -24.13 8.35
CA LYS A 187 9.43 -23.95 9.62
C LYS A 187 8.64 -24.32 10.88
N LEU A 188 7.35 -23.96 10.90
CA LEU A 188 6.52 -24.13 12.07
C LEU A 188 5.55 -25.30 11.94
N GLY A 189 5.61 -26.03 10.83
CA GLY A 189 4.63 -27.09 10.57
C GLY A 189 3.21 -26.58 10.40
N ARG A 190 3.09 -25.33 9.95
CA ARG A 190 1.79 -24.73 9.69
C ARG A 190 1.19 -25.14 8.33
N ALA A 191 2.00 -25.70 7.42
CA ALA A 191 1.51 -26.05 6.07
C ALA A 191 0.34 -27.04 6.11
N ALA A 192 0.37 -27.97 7.07
CA ALA A 192 -0.65 -29.02 7.17
C ALA A 192 -2.06 -28.46 7.28
N ALA A 193 -2.20 -27.33 7.96
CA ALA A 193 -3.53 -26.74 8.18
C ALA A 193 -4.00 -25.83 7.02
N CYS A 194 -3.19 -25.65 5.99
CA CYS A 194 -3.56 -24.72 4.91
C CYS A 194 -3.25 -25.21 3.50
N GLN A 195 -3.46 -26.50 3.25
CA GLN A 195 -3.24 -27.05 1.91
C GLN A 195 -4.10 -26.39 0.81
N PRO A 196 -5.41 -26.14 1.08
CA PRO A 196 -6.21 -25.48 0.04
C PRO A 196 -5.64 -24.13 -0.39
N GLU A 197 -5.15 -23.36 0.58
CA GLU A 197 -4.59 -22.04 0.32
C GLU A 197 -3.26 -22.18 -0.44
N ILE A 198 -2.41 -23.08 0.03
CA ILE A 198 -1.14 -23.37 -0.63
C ILE A 198 -1.39 -23.77 -2.09
N ASP A 199 -2.31 -24.70 -2.31
CA ASP A 199 -2.51 -25.26 -3.65
C ASP A 199 -3.08 -24.23 -4.62
N PHE A 200 -3.88 -23.30 -4.09
CA PHE A 200 -4.37 -22.18 -4.87
C PHE A 200 -3.23 -21.39 -5.50
N TYR A 201 -2.26 -20.99 -4.70
CA TYR A 201 -1.12 -20.23 -5.20
C TYR A 201 -0.21 -21.05 -6.12
N LEU A 202 -0.03 -22.34 -5.80
CA LEU A 202 0.80 -23.20 -6.64
C LEU A 202 0.17 -23.36 -8.02
N SER A 203 -1.16 -23.55 -8.03
CA SER A 203 -1.89 -23.81 -9.27
C SER A 203 -1.97 -22.57 -10.18
N HIS A 204 -1.82 -21.38 -9.60
CA HIS A 204 -1.87 -20.13 -10.38
C HIS A 204 -0.52 -19.64 -10.84
N ALA A 205 0.53 -20.44 -10.64
CA ALA A 205 1.90 -20.01 -10.94
C ALA A 205 2.08 -19.54 -12.37
N ASP A 206 1.33 -20.13 -13.30
CA ASP A 206 1.40 -19.74 -14.71
C ASP A 206 1.00 -18.29 -15.00
N GLN A 207 0.31 -17.65 -14.05
CA GLN A 207 -0.26 -16.33 -14.31
C GLN A 207 0.59 -15.19 -13.76
N TYR A 208 1.62 -15.50 -12.99
CA TYR A 208 2.29 -14.47 -12.20
C TYR A 208 3.24 -13.57 -13.00
N ALA A 209 3.68 -14.03 -14.18
CA ALA A 209 4.75 -13.32 -14.93
C ALA A 209 4.26 -12.26 -15.94
N VAL A 210 2.95 -12.14 -16.13
CA VAL A 210 2.39 -11.34 -17.25
C VAL A 210 2.85 -9.86 -17.26
N VAL A 211 2.89 -9.20 -16.10
CA VAL A 211 3.33 -7.81 -16.08
C VAL A 211 4.85 -7.69 -16.15
N ASP A 213 6.92 -9.75 -17.51
CA ASP A 213 7.29 -10.09 -18.89
C ASP A 213 7.07 -8.90 -19.83
N GLY A 214 5.93 -8.21 -19.64
CA GLY A 214 5.61 -7.02 -20.41
C GLY A 214 6.54 -5.86 -20.18
N LEU A 215 6.94 -5.64 -18.93
CA LEU A 215 7.93 -4.61 -18.62
C LEU A 215 9.28 -4.95 -19.26
N ARG A 216 9.66 -6.23 -19.20
CA ARG A 216 10.98 -6.64 -19.69
C ARG A 216 11.13 -6.48 -21.21
N ASP A 217 10.07 -6.76 -21.96
CA ASP A 217 10.16 -6.71 -23.43
C ASP A 217 9.59 -5.41 -24.03
N GLY A 218 9.24 -4.45 -23.17
CA GLY A 218 8.86 -3.12 -23.61
C GLY A 218 7.41 -2.91 -23.97
N SER A 219 6.59 -3.96 -23.91
CA SER A 219 5.17 -3.81 -24.29
C SER A 219 4.32 -3.22 -23.17
N ILE A 220 4.85 -3.14 -21.95
CA ILE A 220 4.21 -2.40 -20.87
C ILE A 220 5.19 -1.34 -20.39
N PRO A 221 4.78 -0.06 -20.38
CA PRO A 221 5.75 0.97 -20.03
C PRO A 221 6.15 0.95 -18.55
N LEU A 222 7.42 1.22 -18.29
CA LEU A 222 7.94 1.37 -16.95
C LEU A 222 7.61 2.78 -16.53
N ARG A 223 6.85 2.92 -15.44
CA ARG A 223 6.42 4.22 -14.94
C ARG A 223 6.79 4.30 -13.47
N VAL A 224 6.95 5.52 -12.96
CA VAL A 224 7.18 5.68 -11.54
C VAL A 224 5.83 5.59 -10.83
N THR A 225 5.76 4.72 -9.83
CA THR A 225 4.47 4.35 -9.22
C THR A 225 4.56 4.44 -7.69
N HIS A 226 3.39 4.45 -7.04
CA HIS A 226 3.31 4.54 -5.57
C HIS A 226 3.57 3.20 -4.92
N ASN A 227 3.02 2.16 -5.54
CA ASN A 227 3.24 0.75 -5.16
C ASN A 227 2.62 0.26 -3.85
N ASP A 228 1.81 1.10 -3.20
CA ASP A 228 1.08 0.68 -2.01
C ASP A 228 -0.20 1.51 -1.88
N THR A 229 -1.05 1.37 -2.88
CA THR A 229 -2.20 2.25 -3.05
C THR A 229 -3.44 1.76 -2.30
N LYS A 230 -3.26 0.98 -1.23
CA LYS A 230 -4.43 0.59 -0.47
C LYS A 230 -5.10 1.83 0.12
N LEU A 231 -6.41 1.74 0.31
CA LEU A 231 -7.27 2.88 0.60
C LEU A 231 -6.86 3.65 1.85
N ASN A 232 -6.35 2.96 2.86
CA ASN A 232 -5.95 3.66 4.09
C ASN A 232 -4.61 4.39 3.97
N ASN A 233 -4.01 4.40 2.77
CA ASN A 233 -2.83 5.24 2.50
C ASN A 233 -3.20 6.55 1.78
N ILE A 234 -4.47 6.92 1.84
CA ILE A 234 -4.93 8.20 1.34
C ILE A 234 -5.89 8.78 2.39
N LEU A 235 -5.79 10.09 2.61
CA LEU A 235 -6.64 10.77 3.57
C LEU A 235 -7.55 11.71 2.81
N ASP A 237 -10.74 14.66 2.90
CA ASP A 237 -11.23 15.75 3.75
C ASP A 237 -12.55 15.40 4.39
N ALA A 238 -12.70 15.73 5.68
CA ALA A 238 -13.90 15.39 6.45
C ALA A 238 -15.13 16.20 6.02
N THR A 239 -14.94 17.33 5.35
CA THR A 239 -16.06 18.13 4.83
C THR A 239 -16.36 17.87 3.34
N THR A 240 -15.36 17.98 2.48
CA THR A 240 -15.59 17.93 1.04
C THR A 240 -15.58 16.50 0.47
N GLY A 241 -14.99 15.57 1.20
CA GLY A 241 -14.78 14.21 0.73
C GLY A 241 -13.69 14.08 -0.33
N LYS A 242 -13.04 15.19 -0.69
CA LYS A 242 -11.96 15.11 -1.69
C LYS A 242 -10.67 14.63 -1.04
N ALA A 243 -9.84 13.95 -1.82
CA ALA A 243 -8.53 13.50 -1.36
C ALA A 243 -7.71 14.70 -0.89
N ARG A 244 -7.18 14.63 0.32
CA ARG A 244 -6.33 15.69 0.85
C ARG A 244 -4.85 15.41 0.61
N ALA A 245 -4.43 14.18 0.91
CA ALA A 245 -3.03 13.79 0.79
C ALA A 245 -2.90 12.28 0.60
N ILE A 246 -1.98 11.91 -0.27
CA ILE A 246 -1.52 10.53 -0.40
C ILE A 246 -0.37 10.37 0.59
N ILE A 247 -0.46 9.32 1.41
CA ILE A 247 0.53 9.11 2.46
C ILE A 247 1.27 7.80 2.22
N ASP A 248 2.09 7.38 3.17
CA ASP A 248 2.85 6.14 3.09
C ASP A 248 3.64 6.10 1.79
N LEU A 249 4.61 7.00 1.69
CA LEU A 249 5.34 7.22 0.45
C LEU A 249 6.62 6.37 0.34
N ASP A 250 6.71 5.33 1.15
CA ASP A 250 7.96 4.56 1.28
C ASP A 250 8.32 3.71 0.07
N THR A 251 7.33 3.33 -0.75
CA THR A 251 7.55 2.43 -1.87
C THR A 251 7.42 3.10 -3.24
N ILE A 252 7.56 4.42 -3.29
CA ILE A 252 7.59 5.10 -4.58
C ILE A 252 8.87 4.70 -5.33
N PRO A 254 10.17 2.87 -9.61
CA PRO A 254 9.68 2.42 -10.92
C PRO A 254 8.80 1.18 -10.85
N GLY A 255 7.84 1.10 -11.74
CA GLY A 255 6.98 -0.06 -11.84
C GLY A 255 6.04 0.09 -13.02
N SER A 256 4.90 -0.56 -12.90
CA SER A 256 3.82 -0.42 -13.85
C SER A 256 2.63 0.25 -13.18
N LEU A 258 -0.17 -0.73 -13.57
CA LEU A 258 -1.00 -1.87 -13.18
C LEU A 258 -0.79 -2.27 -11.71
N PHE A 259 0.39 -2.01 -11.16
CA PHE A 259 0.64 -2.29 -9.74
C PHE A 259 -0.23 -1.41 -8.86
N ASP A 260 -0.32 -0.13 -9.19
CA ASP A 260 -1.13 0.81 -8.41
C ASP A 260 -2.63 0.55 -8.56
N PHE A 261 -3.07 0.35 -9.80
CA PHE A 261 -4.46 0.02 -10.05
C PHE A 261 -4.88 -1.27 -9.34
N GLY A 262 -4.11 -2.35 -9.56
CA GLY A 262 -4.49 -3.67 -9.09
C GLY A 262 -4.57 -3.74 -7.59
N ASP A 263 -3.61 -3.11 -6.93
CA ASP A 263 -3.52 -3.10 -5.47
C ASP A 263 -4.69 -2.32 -4.88
N SER A 264 -5.08 -1.22 -5.52
CA SER A 264 -6.24 -0.48 -5.07
C SER A 264 -7.51 -1.33 -5.15
N ILE A 265 -7.68 -2.04 -6.27
CA ILE A 265 -8.84 -2.93 -6.44
C ILE A 265 -8.82 -4.04 -5.40
N ARG A 266 -7.65 -4.64 -5.20
CA ARG A 266 -7.45 -5.69 -4.20
C ARG A 266 -8.08 -5.33 -2.85
N PHE A 267 -7.74 -4.14 -2.36
CA PHE A 267 -8.10 -3.74 -1.01
C PHE A 267 -9.50 -3.13 -0.98
N GLY A 268 -9.82 -2.29 -1.96
CA GLY A 268 -11.01 -1.44 -1.92
C GLY A 268 -12.23 -1.93 -2.68
N ALA A 269 -12.07 -2.86 -3.62
CA ALA A 269 -13.21 -3.43 -4.34
C ALA A 269 -13.85 -4.60 -3.58
N SER A 270 -13.29 -4.90 -2.41
CA SER A 270 -13.85 -5.91 -1.52
C SER A 270 -14.96 -5.34 -0.67
N THR A 271 -15.97 -6.16 -0.42
CA THR A 271 -17.06 -5.81 0.47
C THR A 271 -16.68 -6.04 1.93
N ALA A 272 -15.45 -6.49 2.19
CA ALA A 272 -15.02 -6.82 3.54
C ALA A 272 -13.62 -6.34 3.84
N LEU A 273 -13.30 -6.36 5.13
CA LEU A 273 -11.96 -6.08 5.61
C LEU A 273 -10.95 -7.13 5.11
N GLU A 274 -9.70 -6.70 5.04
CA GLU A 274 -8.60 -7.54 4.62
C GLU A 274 -8.43 -8.76 5.51
N ASP A 275 -8.75 -8.62 6.80
CA ASP A 275 -8.65 -9.71 7.75
C ASP A 275 -10.01 -10.16 8.29
N GLU A 276 -11.03 -10.05 7.46
CA GLU A 276 -12.38 -10.51 7.83
C GLU A 276 -12.38 -12.03 7.99
N LYS A 277 -12.74 -12.49 9.19
CA LYS A 277 -12.79 -13.92 9.50
C LYS A 277 -13.93 -14.66 8.81
N ASP A 278 -15.03 -13.96 8.58
CA ASP A 278 -16.22 -14.55 7.99
C ASP A 278 -16.20 -14.37 6.47
N LEU A 279 -15.79 -15.42 5.76
CA LEU A 279 -15.63 -15.40 4.31
C LEU A 279 -16.92 -15.13 3.53
N SER A 280 -18.07 -15.48 4.13
CA SER A 280 -19.36 -15.18 3.51
C SER A 280 -19.60 -13.68 3.32
N LYS A 281 -18.90 -12.85 4.10
CA LYS A 281 -18.98 -11.40 3.97
C LYS A 281 -18.04 -10.85 2.89
N VAL A 282 -17.08 -11.67 2.45
CA VAL A 282 -16.06 -11.24 1.46
C VAL A 282 -16.49 -11.48 0.02
N HIS A 283 -16.61 -10.39 -0.74
CA HIS A 283 -16.98 -10.41 -2.15
C HIS A 283 -16.23 -9.36 -2.93
N PHE A 284 -16.03 -9.63 -4.22
CA PHE A 284 -15.49 -8.64 -5.16
C PHE A 284 -16.63 -7.86 -5.80
N SER A 285 -16.62 -6.54 -5.65
CA SER A 285 -17.71 -5.71 -6.14
C SER A 285 -17.37 -5.09 -7.48
N THR A 286 -18.11 -5.46 -8.52
CA THR A 286 -17.94 -4.88 -9.83
C THR A 286 -18.35 -3.40 -9.83
N GLU A 287 -19.31 -3.04 -8.98
CA GLU A 287 -19.70 -1.63 -8.81
C GLU A 287 -18.53 -0.79 -8.28
N LEU A 288 -17.84 -1.31 -7.28
CA LEU A 288 -16.68 -0.61 -6.74
C LEU A 288 -15.53 -0.62 -7.75
N PHE A 289 -15.34 -1.75 -8.45
CA PHE A 289 -14.38 -1.78 -9.56
C PHE A 289 -14.65 -0.65 -10.55
N ARG A 290 -15.90 -0.52 -10.97
CA ARG A 290 -16.28 0.55 -11.90
C ARG A 290 -15.99 1.94 -11.32
N ALA A 291 -16.35 2.16 -10.06
CA ALA A 291 -16.20 3.47 -9.45
C ALA A 291 -14.73 3.90 -9.46
N TYR A 292 -13.85 3.01 -9.01
CA TYR A 292 -12.42 3.31 -8.97
C TYR A 292 -11.87 3.53 -10.37
N THR A 293 -12.28 2.68 -11.31
CA THR A 293 -11.75 2.75 -12.67
C THR A 293 -12.15 4.06 -13.33
N GLU A 294 -13.39 4.49 -13.09
CA GLU A 294 -13.85 5.77 -13.64
C GLU A 294 -12.95 6.91 -13.17
N GLY A 295 -12.67 6.98 -11.87
CA GLY A 295 -11.77 8.01 -11.34
C GLY A 295 -10.36 7.91 -11.89
N PHE A 296 -9.80 6.70 -11.85
CA PHE A 296 -8.40 6.43 -12.23
C PHE A 296 -8.17 6.69 -13.72
N VAL A 297 -8.93 5.99 -14.57
CA VAL A 297 -8.77 6.13 -16.02
C VAL A 297 -9.11 7.57 -16.42
N GLY A 298 -10.10 8.15 -15.75
CA GLY A 298 -10.45 9.56 -15.95
C GLY A 298 -9.25 10.48 -15.95
N GLU A 299 -8.29 10.22 -15.04
CA GLU A 299 -7.09 11.05 -14.92
C GLU A 299 -6.00 10.66 -15.91
N LEU A 300 -5.95 9.39 -16.28
CA LEU A 300 -4.84 8.85 -17.05
C LEU A 300 -5.21 8.52 -18.51
N ARG A 301 -6.40 8.92 -18.95
CA ARG A 301 -6.87 8.57 -20.30
C ARG A 301 -5.86 8.95 -21.37
N GLY A 302 -5.21 10.11 -21.20
CA GLY A 302 -4.20 10.57 -22.14
C GLY A 302 -2.90 9.78 -22.21
N SER A 303 -2.62 8.95 -21.19
CA SER A 303 -1.37 8.19 -21.18
C SER A 303 -1.54 6.67 -21.22
N ILE A 304 -2.71 6.15 -20.86
CA ILE A 304 -2.93 4.70 -20.79
C ILE A 304 -2.82 4.04 -22.18
N THR A 305 -1.92 3.05 -22.31
CA THR A 305 -1.79 2.31 -23.57
C THR A 305 -2.84 1.22 -23.72
N ALA A 306 -2.95 0.65 -24.92
CA ALA A 306 -3.93 -0.41 -25.18
C ALA A 306 -3.66 -1.64 -24.31
N ARG A 307 -2.38 -2.00 -24.19
CA ARG A 307 -1.99 -3.17 -23.44
C ARG A 307 -2.24 -2.99 -21.93
N GLU A 308 -2.00 -1.78 -21.43
CA GLU A 308 -2.32 -1.48 -20.02
C GLU A 308 -3.81 -1.63 -19.78
N ALA A 309 -4.62 -1.10 -20.69
CA ALA A 309 -6.07 -1.16 -20.54
C ALA A 309 -6.56 -2.60 -20.59
N GLU A 310 -5.95 -3.39 -21.48
CA GLU A 310 -6.24 -4.81 -21.61
C GLU A 310 -6.02 -5.57 -20.31
N LEU A 311 -4.96 -5.18 -19.58
CA LEU A 311 -4.56 -5.87 -18.37
C LEU A 311 -5.15 -5.30 -17.07
N LEU A 312 -5.97 -4.26 -17.15
CA LEU A 312 -6.51 -3.64 -15.94
C LEU A 312 -7.32 -4.61 -15.06
N PRO A 313 -8.28 -5.35 -15.65
CA PRO A 313 -8.99 -6.34 -14.84
C PRO A 313 -8.05 -7.36 -14.22
N PHE A 314 -7.20 -7.97 -15.03
CA PHE A 314 -6.31 -9.00 -14.49
C PHE A 314 -5.33 -8.47 -13.43
N SER A 315 -4.96 -7.19 -13.50
CA SER A 315 -4.04 -6.64 -12.50
C SER A 315 -4.65 -6.74 -11.09
N GLY A 316 -5.98 -6.66 -11.00
CA GLY A 316 -6.68 -6.96 -9.76
C GLY A 316 -6.34 -8.35 -9.25
N ASN A 317 -6.55 -9.35 -10.11
CA ASN A 317 -6.18 -10.75 -9.80
C ASN A 317 -4.73 -10.85 -9.33
N LEU A 318 -3.83 -10.24 -10.10
CA LEU A 318 -2.39 -10.41 -9.90
C LEU A 318 -1.92 -9.86 -8.56
N LEU A 319 -2.31 -8.63 -8.25
CA LEU A 319 -1.84 -7.98 -7.02
C LEU A 319 -2.48 -8.62 -5.82
N THR A 320 -3.72 -9.10 -5.96
CA THR A 320 -4.42 -9.81 -4.90
C THR A 320 -3.74 -11.14 -4.63
N GLU A 322 -0.55 -11.77 -5.34
CA GLU A 322 0.77 -11.47 -4.81
C GLU A 322 0.71 -11.17 -3.31
N CYS A 323 -0.22 -10.29 -2.95
CA CYS A 323 -0.37 -9.93 -1.54
C CYS A 323 -0.81 -11.16 -0.71
N GLY A 324 -1.73 -11.94 -1.26
CA GLY A 324 -2.19 -13.14 -0.58
C GLY A 324 -1.08 -14.16 -0.36
N ARG A 326 2.05 -13.52 -0.19
CA ARG A 326 2.95 -12.93 0.81
C ARG A 326 2.39 -13.11 2.22
N PHE A 327 1.08 -12.95 2.42
CA PHE A 327 0.50 -13.22 3.75
C PHE A 327 0.71 -14.69 4.14
N LEU A 328 0.49 -15.61 3.20
CA LEU A 328 0.59 -17.03 3.49
C LEU A 328 2.04 -17.45 3.72
N ALA A 329 2.96 -16.92 2.93
CA ALA A 329 4.38 -17.16 3.15
C ALA A 329 4.74 -16.71 4.57
N ASP A 330 4.26 -15.54 4.96
CA ASP A 330 4.58 -14.99 6.28
C ASP A 330 4.02 -15.90 7.36
N TYR A 331 2.78 -16.36 7.19
CA TYR A 331 2.18 -17.32 8.09
C TYR A 331 3.07 -18.57 8.22
N LEU A 332 3.50 -19.12 7.09
CA LEU A 332 4.37 -20.32 7.11
C LEU A 332 5.75 -20.07 7.73
N GLU A 333 6.21 -18.82 7.74
CA GLU A 333 7.51 -18.45 8.31
C GLU A 333 7.44 -17.93 9.76
N GLY A 334 6.25 -17.88 10.34
CA GLY A 334 6.10 -17.43 11.72
C GLY A 334 5.90 -15.92 11.87
N ASP A 335 5.39 -15.27 10.83
CA ASP A 335 4.91 -13.90 10.92
C ASP A 335 6.04 -12.93 11.23
N ILE A 336 7.04 -12.95 10.36
CA ILE A 336 8.23 -12.13 10.53
C ILE A 336 8.15 -10.80 9.77
N TYR A 337 7.27 -10.71 8.78
CA TYR A 337 7.18 -9.52 7.93
C TYR A 337 6.06 -8.57 8.34
N PHE A 338 4.83 -9.07 8.35
CA PHE A 338 3.64 -8.24 8.63
C PHE A 338 3.34 -8.27 10.12
N ALA A 339 2.99 -7.11 10.68
CA ALA A 339 2.40 -7.07 12.03
C ALA A 339 1.16 -7.97 12.08
N THR A 340 1.01 -8.68 13.19
CA THR A 340 -0.16 -9.53 13.42
C THR A 340 -0.64 -9.33 14.86
N LYS A 341 -1.91 -9.65 15.09
CA LYS A 341 -2.53 -9.52 16.40
C LYS A 341 -2.81 -10.87 17.07
N TYR A 342 -2.79 -11.95 16.29
CA TYR A 342 -3.04 -13.30 16.81
C TYR A 342 -2.36 -14.33 15.91
N PRO A 343 -2.15 -15.56 16.42
CA PRO A 343 -1.37 -16.55 15.67
C PRO A 343 -1.79 -16.79 14.21
N GLU A 344 -3.10 -16.85 13.96
CA GLU A 344 -3.64 -17.19 12.64
C GLU A 344 -3.91 -15.98 11.73
N HIS A 345 -3.51 -14.78 12.16
CA HIS A 345 -3.89 -13.55 11.46
C HIS A 345 -3.55 -13.57 9.99
N ASN A 346 -2.33 -13.97 9.66
CA ASN A 346 -1.91 -14.01 8.24
C ASN A 346 -2.67 -15.08 7.43
N LEU A 347 -3.12 -16.15 8.10
CA LEU A 347 -3.89 -17.18 7.40
C LEU A 347 -5.25 -16.60 7.11
N VAL A 348 -5.80 -15.86 8.08
CA VAL A 348 -7.10 -15.22 7.87
C VAL A 348 -7.05 -14.21 6.71
N ARG A 349 -5.96 -13.46 6.63
CA ARG A 349 -5.76 -12.50 5.56
C ARG A 349 -5.62 -13.18 4.21
N THR A 350 -4.84 -14.25 4.12
CA THR A 350 -4.64 -14.90 2.82
C THR A 350 -5.97 -15.43 2.29
N ARG A 351 -6.86 -15.86 3.19
CA ARG A 351 -8.15 -16.43 2.78
C ARG A 351 -9.10 -15.40 2.17
N THR A 352 -9.10 -14.16 2.67
CA THR A 352 -9.89 -13.11 2.01
C THR A 352 -9.36 -12.85 0.59
N GLN A 353 -8.04 -12.83 0.44
CA GLN A 353 -7.44 -12.52 -0.86
C GLN A 353 -7.79 -13.61 -1.88
N ILE A 354 -7.79 -14.87 -1.45
CA ILE A 354 -8.19 -15.97 -2.34
C ILE A 354 -9.66 -15.84 -2.74
N LYS A 355 -10.53 -15.64 -1.76
CA LYS A 355 -11.96 -15.46 -2.00
C LYS A 355 -12.19 -14.37 -3.03
N LEU A 356 -11.51 -13.23 -2.86
CA LEU A 356 -11.63 -12.15 -3.84
C LEU A 356 -11.22 -12.59 -5.26
N VAL A 357 -10.09 -13.28 -5.38
CA VAL A 357 -9.62 -13.69 -6.70
C VAL A 357 -10.60 -14.69 -7.33
N GLN A 358 -11.16 -15.56 -6.50
CA GLN A 358 -12.16 -16.51 -7.00
C GLN A 358 -13.31 -15.76 -7.65
N GLU A 359 -13.76 -14.68 -7.03
CA GLU A 359 -14.84 -13.88 -7.61
C GLU A 359 -14.39 -13.06 -8.83
N GLU A 361 -12.20 -13.91 -10.99
CA GLU A 361 -12.12 -14.85 -12.11
C GLU A 361 -13.52 -15.06 -12.69
N GLN A 362 -14.47 -15.30 -11.81
CA GLN A 362 -15.86 -15.51 -12.16
C GLN A 362 -16.46 -14.31 -12.89
N LYS A 363 -16.10 -13.09 -12.45
CA LYS A 363 -16.63 -11.86 -13.04
C LYS A 363 -15.72 -11.23 -14.09
N ALA A 364 -14.80 -12.03 -14.67
CA ALA A 364 -13.82 -11.51 -15.63
C ALA A 364 -14.47 -10.80 -16.81
N SER A 365 -15.51 -11.39 -17.40
CA SER A 365 -16.16 -10.76 -18.56
C SER A 365 -16.81 -9.42 -18.19
N GLU A 366 -17.42 -9.32 -17.01
CA GLU A 366 -18.02 -8.04 -16.56
C GLU A 366 -16.99 -6.93 -16.41
N THR A 367 -15.84 -7.27 -15.83
CA THR A 367 -14.79 -6.28 -15.59
C THR A 367 -14.14 -5.86 -16.90
N ARG A 368 -14.01 -6.80 -17.83
CA ARG A 368 -13.54 -6.47 -19.18
C ARG A 368 -14.50 -5.46 -19.82
N ALA A 369 -15.79 -5.73 -19.71
CA ALA A 369 -16.82 -4.85 -20.29
C ALA A 369 -16.80 -3.48 -19.62
N ILE A 370 -16.66 -3.45 -18.30
CA ILE A 370 -16.57 -2.19 -17.57
C ILE A 370 -15.41 -1.32 -18.07
N VAL A 371 -14.24 -1.92 -18.23
CA VAL A 371 -13.06 -1.20 -18.72
C VAL A 371 -13.30 -0.66 -20.15
N ALA A 372 -13.75 -1.54 -21.04
CA ALA A 372 -14.08 -1.17 -22.42
C ALA A 372 -15.02 0.02 -22.46
N ASP A 373 -16.07 -0.05 -21.65
CA ASP A 373 -17.07 1.01 -21.54
C ASP A 373 -16.46 2.34 -21.11
N ILE A 374 -15.66 2.30 -20.04
CA ILE A 374 -15.05 3.53 -19.50
C ILE A 374 -14.03 4.13 -20.47
N GLU A 376 -14.04 4.25 -23.74
CA GLU A 376 -14.67 5.04 -24.81
C GLU A 376 -15.21 6.37 -24.27
N ALA A 377 -15.87 6.32 -23.12
CA ALA A 377 -16.51 7.49 -22.52
C ALA A 377 -15.49 8.36 -21.79
#